data_5LSV
#
_entry.id   5LSV
#
_cell.length_a   45.400
_cell.length_b   58.840
_cell.length_c   71.900
_cell.angle_alpha   90.00
_cell.angle_beta   90.00
_cell.angle_gamma   90.00
#
_symmetry.space_group_name_H-M   'P 21 21 21'
#
loop_
_entity.id
_entity.type
_entity.pdbx_description
1 polymer AoAA13
2 branched alpha-D-glucopyranose-(1-4)-alpha-D-glucopyranose
3 non-polymer 2-acetamido-2-deoxy-beta-D-glucopyranose
4 non-polymer 'ZINC ION'
5 water water
#
_entity_poly.entity_id   1
_entity_poly.type   'polypeptide(L)'
_entity_poly.pdbx_seq_one_letter_code
;(HIC)GYMYIPSSRTRLGHEAGIDSCPECAILEPVSSWPDLDAAPVGRSGPCGYNARDSIDYNQPTTNWGSDAVQSYSPG
EEIEVQWCVDHNGDHGGMFTYRICQDQSIVDKFLDPSYLPTNDEKQAAEDCFDAGLLPCTDVSGQECGYSADCTEGEACW
RNDWFTCNGFEASDRPKCQGVDNAELNSCYTSIAGGYTVTKKVKLPEYTSNHTLISFKWNSFQTGQIYLSCADIAIQ
;
_entity_poly.pdbx_strand_id   A
#
loop_
_chem_comp.id
_chem_comp.type
_chem_comp.name
_chem_comp.formula
GLC D-saccharide, alpha linking alpha-D-glucopyranose 'C6 H12 O6'
NAG D-saccharide, beta linking 2-acetamido-2-deoxy-beta-D-glucopyranose 'C8 H15 N O6'
ZN non-polymer 'ZINC ION' 'Zn 2'
#
# COMPACT_ATOMS: atom_id res chain seq x y z
N HIC A 1 -3.45 7.45 8.14
N HIC A 1 -3.55 7.41 8.13
CA HIC A 1 -3.67 6.07 8.75
CA HIC A 1 -3.88 6.11 8.79
C HIC A 1 -4.46 5.20 7.82
C HIC A 1 -4.51 5.20 7.80
O HIC A 1 -5.62 5.48 7.54
O HIC A 1 -5.65 5.41 7.46
CB HIC A 1 -4.39 6.30 10.06
CB HIC A 1 -4.90 6.42 9.89
CG HIC A 1 -3.60 6.95 11.15
CG HIC A 1 -4.31 7.15 11.08
ND1 HIC A 1 -2.94 8.16 10.97
ND1 HIC A 1 -3.56 8.23 11.07
CD2 HIC A 1 -3.35 6.49 12.41
CD2 HIC A 1 -4.31 6.76 12.41
CE1 HIC A 1 -2.35 8.46 12.17
CE1 HIC A 1 -3.16 8.61 12.28
NE2 HIC A 1 -2.64 7.45 13.07
NE2 HIC A 1 -3.63 7.70 13.14
CZ HIC A 1 -2.13 7.39 14.47
CZ HIC A 1 -3.38 7.70 14.58
N GLY A 2 -3.81 4.17 7.30
CA GLY A 2 -4.44 3.26 6.39
C GLY A 2 -3.56 2.06 6.15
N TYR A 3 -4.16 1.05 5.48
CA TYR A 3 -3.44 -0.18 5.16
C TYR A 3 -4.16 -0.89 4.05
N MET A 4 -3.45 -1.83 3.38
CA MET A 4 -4.07 -2.58 2.26
C MET A 4 -5.01 -3.63 2.77
N TYR A 5 -6.16 -3.71 2.10
CA TYR A 5 -7.29 -4.54 2.54
CA TYR A 5 -7.28 -4.54 2.54
C TYR A 5 -7.59 -5.71 1.59
N ILE A 6 -7.58 -5.50 0.27
CA ILE A 6 -7.84 -6.55 -0.73
C ILE A 6 -6.80 -6.44 -1.80
N PRO A 7 -6.17 -7.56 -2.20
CA PRO A 7 -6.12 -8.83 -1.41
C PRO A 7 -5.63 -8.55 -0.02
N SER A 8 -5.93 -9.50 0.87
N SER A 8 -6.00 -9.42 0.92
CA SER A 8 -5.68 -9.36 2.29
CA SER A 8 -5.69 -9.19 2.30
C SER A 8 -4.17 -9.22 2.60
C SER A 8 -4.19 -9.12 2.45
N SER A 9 -3.72 -8.06 3.11
CA SER A 9 -2.31 -7.84 3.32
C SER A 9 -1.86 -8.51 4.60
N ARG A 10 -0.54 -8.54 4.77
CA ARG A 10 0.03 -9.04 6.01
C ARG A 10 -0.49 -8.22 7.19
N THR A 11 -0.67 -6.91 6.99
CA THR A 11 -1.19 -6.04 8.04
C THR A 11 -2.62 -6.42 8.38
N ARG A 12 -3.46 -6.65 7.38
CA ARG A 12 -4.82 -7.10 7.64
C ARG A 12 -4.82 -8.42 8.43
N LEU A 13 -3.98 -9.35 7.99
CA LEU A 13 -3.88 -10.61 8.71
CA LEU A 13 -3.86 -10.64 8.67
C LEU A 13 -3.36 -10.43 10.10
N GLY A 14 -2.44 -9.51 10.33
CA GLY A 14 -1.99 -9.26 11.69
C GLY A 14 -3.08 -8.79 12.59
N HIS A 15 -3.98 -7.91 12.08
N HIS A 15 -3.93 -7.97 12.05
CA HIS A 15 -5.29 -7.53 12.78
CA HIS A 15 -4.97 -7.61 12.86
C HIS A 15 -6.12 -8.74 13.01
C HIS A 15 -6.04 -8.74 13.03
N GLU A 16 -6.42 -9.47 11.98
CA GLU A 16 -7.42 -10.54 12.13
CA GLU A 16 -7.41 -10.54 12.08
C GLU A 16 -6.90 -11.62 13.01
N ALA A 17 -5.61 -11.92 12.99
CA ALA A 17 -5.02 -12.91 13.87
C ALA A 17 -4.91 -12.45 15.30
N GLY A 18 -5.19 -11.19 15.60
CA GLY A 18 -5.16 -10.72 16.95
C GLY A 18 -3.82 -10.24 17.46
N ILE A 19 -2.91 -9.91 16.55
CA ILE A 19 -1.56 -9.43 16.90
C ILE A 19 -1.43 -7.94 16.89
N ASP A 20 -2.03 -7.31 15.88
CA ASP A 20 -1.84 -5.91 15.58
C ASP A 20 -3.07 -5.14 16.02
N SER A 21 -2.90 -4.37 17.10
CA SER A 21 -3.99 -3.57 17.65
C SER A 21 -4.36 -2.35 16.83
N CYS A 22 -3.53 -1.93 15.88
N CYS A 22 -3.56 -1.96 15.86
CA CYS A 22 -3.74 -0.71 15.13
CA CYS A 22 -3.85 -0.75 15.13
C CYS A 22 -3.15 -0.85 13.76
C CYS A 22 -3.18 -0.86 13.79
N PRO A 23 -3.79 -1.62 12.88
CA PRO A 23 -3.23 -1.88 11.57
C PRO A 23 -2.96 -0.65 10.76
N GLU A 24 -3.83 0.35 10.93
CA GLU A 24 -3.75 1.59 10.18
C GLU A 24 -2.59 2.49 10.67
N CYS A 25 -1.95 2.13 11.79
CA CYS A 25 -0.90 2.91 12.44
CA CYS A 25 -0.86 3.00 12.26
C CYS A 25 0.51 2.57 11.87
N ALA A 26 0.65 1.55 11.12
N ALA A 26 0.72 1.72 10.81
CA ALA A 26 2.00 1.19 10.68
CA ALA A 26 2.09 1.22 10.26
C ALA A 26 2.46 2.26 9.66
C ALA A 26 2.90 2.20 9.36
N ILE A 27 3.44 3.03 10.06
N ILE A 27 3.51 3.09 10.03
CA ILE A 27 3.82 4.33 9.40
CA ILE A 27 3.88 4.21 9.25
C ILE A 27 5.34 4.43 9.24
C ILE A 27 5.38 4.30 9.16
N LEU A 28 5.77 4.96 8.09
CA LEU A 28 7.14 5.37 7.81
C LEU A 28 7.21 6.88 8.05
N GLU A 29 7.90 7.28 9.10
CA GLU A 29 8.08 8.68 9.44
C GLU A 29 9.28 8.79 10.42
N PRO A 30 9.94 9.92 10.51
CA PRO A 30 9.83 11.07 9.63
C PRO A 30 10.45 10.80 8.28
N VAL A 31 9.84 11.27 7.23
CA VAL A 31 10.34 11.16 5.87
C VAL A 31 9.86 12.34 5.09
N SER A 32 10.53 12.63 3.97
CA SER A 32 10.00 13.52 2.93
C SER A 32 9.13 12.70 1.99
N SER A 33 7.83 12.87 2.03
CA SER A 33 6.90 12.08 1.24
C SER A 33 6.42 12.84 0.01
N TRP A 34 6.78 14.12 -0.17
CA TRP A 34 6.18 14.95 -1.19
C TRP A 34 7.15 16.09 -1.49
N PRO A 35 7.29 16.50 -2.75
CA PRO A 35 6.62 16.03 -3.97
C PRO A 35 7.29 14.81 -4.61
N ASP A 36 8.50 14.45 -4.21
CA ASP A 36 9.19 13.32 -4.80
C ASP A 36 8.73 12.07 -4.05
N LEU A 37 7.93 11.25 -4.67
CA LEU A 37 7.23 10.18 -3.98
C LEU A 37 8.09 8.97 -3.67
N ASP A 38 9.26 8.89 -4.28
CA ASP A 38 10.12 7.72 -4.18
C ASP A 38 11.50 8.00 -3.65
N ALA A 39 11.82 9.25 -3.33
CA ALA A 39 13.19 9.53 -2.89
C ALA A 39 13.45 9.07 -1.48
N ALA A 40 12.46 9.14 -0.58
CA ALA A 40 12.71 8.83 0.82
C ALA A 40 13.08 7.35 1.00
N PRO A 41 14.17 7.08 1.72
CA PRO A 41 14.48 5.70 2.08
C PRO A 41 13.35 5.09 2.90
N VAL A 42 13.12 3.79 2.70
CA VAL A 42 12.07 3.13 3.46
C VAL A 42 12.50 2.61 4.80
N GLY A 43 13.78 2.65 5.11
CA GLY A 43 14.24 2.28 6.43
C GLY A 43 13.74 0.91 6.90
N ARG A 44 13.39 0.85 8.18
CA ARG A 44 12.92 -0.40 8.73
CA ARG A 44 12.83 -0.32 8.85
C ARG A 44 11.53 -0.77 8.22
N SER A 45 10.78 0.21 7.73
CA SER A 45 9.43 -0.08 7.24
C SER A 45 9.49 -1.06 6.06
N GLY A 46 10.41 -0.86 5.11
CA GLY A 46 10.50 -1.70 4.00
C GLY A 46 9.24 -1.68 3.12
N PRO A 47 9.14 -2.62 2.19
CA PRO A 47 7.98 -2.66 1.32
C PRO A 47 6.72 -3.22 1.98
N CYS A 48 6.87 -3.89 3.14
N CYS A 48 6.86 -3.88 3.15
CA CYS A 48 5.74 -4.51 3.82
CA CYS A 48 5.70 -4.49 3.80
C CYS A 48 5.23 -3.78 5.03
C CYS A 48 5.23 -3.80 5.04
N GLY A 49 6.01 -2.84 5.55
CA GLY A 49 5.63 -2.08 6.74
C GLY A 49 6.17 -2.62 8.04
N TYR A 50 6.32 -1.67 8.97
CA TYR A 50 6.70 -1.91 10.37
CA TYR A 50 6.69 -1.91 10.36
C TYR A 50 5.73 -1.14 11.23
N ASN A 51 5.12 -1.83 12.22
CA ASN A 51 4.16 -1.19 13.08
C ASN A 51 4.79 -1.03 14.45
N ALA A 52 5.10 0.18 14.84
CA ALA A 52 5.74 0.44 16.14
C ALA A 52 4.85 0.18 17.35
N ARG A 53 3.54 0.30 17.13
CA ARG A 53 2.58 0.12 18.20
C ARG A 53 2.76 -1.24 18.95
N ASP A 54 2.86 -2.35 18.22
CA ASP A 54 3.05 -3.70 18.81
C ASP A 54 4.41 -4.31 18.35
N SER A 55 5.33 -3.49 17.80
N SER A 55 5.21 -3.43 17.79
CA SER A 55 6.69 -3.89 17.37
CA SER A 55 6.50 -3.74 17.32
C SER A 55 6.66 -5.02 16.33
C SER A 55 6.47 -4.99 16.44
N ILE A 56 5.84 -4.83 15.29
CA ILE A 56 5.61 -5.87 14.28
C ILE A 56 6.32 -5.50 13.00
N ASP A 57 7.24 -6.36 12.56
CA ASP A 57 7.89 -6.17 11.26
C ASP A 57 7.22 -7.11 10.24
N TYR A 58 6.44 -6.55 9.35
CA TYR A 58 5.69 -7.34 8.36
C TYR A 58 6.54 -7.83 7.21
N ASN A 59 7.83 -7.49 7.17
CA ASN A 59 8.72 -7.93 6.10
C ASN A 59 9.19 -9.38 6.23
N GLN A 60 8.95 -9.93 7.44
N GLN A 60 8.64 -10.18 7.07
CA GLN A 60 9.24 -11.32 7.86
CA GLN A 60 8.94 -11.57 6.99
C GLN A 60 7.91 -12.14 8.04
C GLN A 60 7.65 -12.15 7.43
N PRO A 61 7.62 -13.36 7.33
CA PRO A 61 6.48 -14.13 7.78
C PRO A 61 6.57 -14.56 9.18
N THR A 62 5.38 -14.88 9.73
CA THR A 62 5.23 -15.53 11.02
C THR A 62 4.16 -16.60 10.87
N THR A 63 3.75 -17.24 11.99
CA THR A 63 2.65 -18.16 11.92
C THR A 63 1.34 -17.52 11.41
N ASN A 64 1.24 -16.20 11.56
CA ASN A 64 0.04 -15.44 11.25
C ASN A 64 0.00 -14.75 9.94
N TRP A 65 1.10 -14.66 9.18
CA TRP A 65 1.05 -14.03 7.89
C TRP A 65 2.27 -14.45 7.12
N GLY A 66 2.21 -14.35 5.79
CA GLY A 66 3.40 -14.54 4.94
C GLY A 66 3.74 -15.92 4.54
N SER A 67 3.00 -16.91 5.06
CA SER A 67 3.31 -18.31 4.79
C SER A 67 2.91 -18.75 3.44
N ASP A 68 1.84 -18.24 2.92
CA ASP A 68 1.23 -18.67 1.69
C ASP A 68 0.55 -17.52 1.02
N ALA A 69 0.34 -17.64 -0.28
CA ALA A 69 -0.49 -16.70 -1.01
C ALA A 69 -1.90 -16.65 -0.44
N VAL A 70 -2.47 -15.47 -0.31
CA VAL A 70 -3.87 -15.33 0.14
C VAL A 70 -4.85 -15.51 -1.00
N GLN A 71 -4.41 -15.24 -2.23
CA GLN A 71 -5.25 -15.24 -3.39
C GLN A 71 -4.35 -15.56 -4.55
N SER A 72 -4.90 -16.23 -5.56
CA SER A 72 -4.26 -16.56 -6.83
CA SER A 72 -4.23 -16.50 -6.77
C SER A 72 -4.96 -15.88 -7.96
N TYR A 73 -4.15 -15.39 -8.90
CA TYR A 73 -4.58 -14.66 -10.08
C TYR A 73 -3.88 -15.15 -11.31
N SER A 74 -4.21 -14.66 -12.48
CA SER A 74 -3.59 -14.98 -13.75
CA SER A 74 -3.46 -15.02 -13.65
C SER A 74 -2.66 -13.85 -14.21
N PRO A 75 -1.61 -14.17 -14.97
CA PRO A 75 -0.77 -13.11 -15.57
C PRO A 75 -1.62 -12.12 -16.37
N GLY A 76 -1.36 -10.81 -16.22
CA GLY A 76 -2.09 -9.81 -16.92
C GLY A 76 -3.53 -9.59 -16.48
N GLU A 77 -4.02 -10.26 -15.45
CA GLU A 77 -5.40 -10.10 -15.02
C GLU A 77 -5.60 -8.70 -14.46
N GLU A 78 -6.74 -8.13 -14.81
N GLU A 78 -6.74 -8.09 -14.77
CA GLU A 78 -7.24 -6.95 -14.16
CA GLU A 78 -7.12 -6.81 -14.14
C GLU A 78 -7.86 -7.35 -12.84
C GLU A 78 -7.91 -7.16 -12.90
N ILE A 79 -7.40 -6.73 -11.76
CA ILE A 79 -7.89 -7.12 -10.43
C ILE A 79 -8.31 -5.92 -9.62
N GLU A 80 -9.24 -6.18 -8.70
N GLU A 80 -9.24 -6.16 -8.71
CA GLU A 80 -9.62 -5.18 -7.66
CA GLU A 80 -9.59 -5.16 -7.71
C GLU A 80 -8.54 -5.14 -6.60
C GLU A 80 -8.53 -5.13 -6.61
N VAL A 81 -8.13 -3.91 -6.25
CA VAL A 81 -7.29 -3.68 -5.11
C VAL A 81 -7.96 -2.66 -4.23
N GLN A 82 -7.91 -2.86 -2.93
CA GLN A 82 -8.59 -1.98 -2.00
C GLN A 82 -7.68 -1.72 -0.81
N TRP A 83 -7.71 -0.49 -0.31
CA TRP A 83 -7.09 -0.14 0.96
C TRP A 83 -8.12 0.50 1.84
N CYS A 84 -7.78 0.61 3.12
N CYS A 84 -7.85 0.47 3.15
CA CYS A 84 -8.68 1.10 4.14
CA CYS A 84 -8.68 1.13 4.21
C CYS A 84 -8.12 2.32 4.80
C CYS A 84 -8.06 2.42 4.69
N VAL A 85 -8.90 3.44 4.83
CA VAL A 85 -8.43 4.68 5.46
C VAL A 85 -9.25 4.92 6.73
N ASP A 86 -8.57 5.32 7.81
CA ASP A 86 -9.26 5.65 9.05
C ASP A 86 -9.96 7.01 8.95
N HIS A 87 -11.14 7.07 9.56
CA HIS A 87 -11.88 8.30 9.60
C HIS A 87 -11.12 9.51 10.12
N ASN A 88 -10.27 9.31 11.11
CA ASN A 88 -9.54 10.42 11.74
C ASN A 88 -8.16 10.65 11.10
N GLY A 89 -7.82 9.90 10.08
CA GLY A 89 -6.53 9.99 9.47
C GLY A 89 -6.55 9.93 7.94
N ASP A 90 -7.48 10.67 7.34
CA ASP A 90 -7.62 10.70 5.93
C ASP A 90 -6.80 11.85 5.35
N HIS A 91 -5.61 11.53 4.90
N HIS A 91 -5.57 11.52 4.95
CA HIS A 91 -4.67 12.58 4.48
CA HIS A 91 -4.55 12.49 4.55
C HIS A 91 -4.76 13.07 3.11
C HIS A 91 -4.78 13.06 3.14
N GLY A 92 -5.63 12.47 2.31
CA GLY A 92 -5.48 12.73 0.88
C GLY A 92 -4.14 12.23 0.37
N GLY A 93 -3.69 12.79 -0.73
CA GLY A 93 -2.40 12.38 -1.28
C GLY A 93 -2.51 11.40 -2.43
N MET A 94 -1.46 10.56 -2.58
CA MET A 94 -1.31 9.69 -3.75
C MET A 94 -0.92 8.31 -3.28
N PHE A 95 -1.35 7.28 -4.00
CA PHE A 95 -1.02 5.90 -3.60
C PHE A 95 -0.82 5.05 -4.83
N THR A 96 -0.19 3.88 -4.61
CA THR A 96 0.13 2.97 -5.72
C THR A 96 0.30 1.58 -5.18
N TYR A 97 0.37 0.63 -6.15
CA TYR A 97 0.63 -0.77 -5.88
C TYR A 97 1.75 -1.21 -6.82
N ARG A 98 2.57 -2.15 -6.32
CA ARG A 98 3.83 -2.55 -7.02
C ARG A 98 4.05 -4.03 -6.86
N ILE A 99 4.64 -4.65 -7.89
CA ILE A 99 5.07 -6.06 -7.80
C ILE A 99 6.51 -6.16 -8.29
N CYS A 100 7.41 -6.65 -7.46
N CYS A 100 7.33 -6.79 -7.45
CA CYS A 100 8.79 -6.88 -7.82
CA CYS A 100 8.67 -7.19 -7.82
C CYS A 100 8.91 -8.19 -8.61
C CYS A 100 8.64 -8.30 -8.81
N GLN A 101 9.42 -8.08 -9.85
CA GLN A 101 9.54 -9.20 -10.75
C GLN A 101 10.94 -9.84 -10.66
N ASP A 102 11.52 -9.90 -9.48
CA ASP A 102 12.78 -10.55 -9.23
C ASP A 102 12.57 -11.46 -8.06
N GLN A 103 12.24 -12.73 -8.38
CA GLN A 103 11.83 -13.66 -7.35
C GLN A 103 12.88 -13.86 -6.29
N SER A 104 14.16 -13.83 -6.65
CA SER A 104 15.20 -14.02 -5.64
C SER A 104 15.26 -12.93 -4.63
N ILE A 105 14.92 -11.70 -5.02
CA ILE A 105 14.81 -10.60 -4.07
C ILE A 105 13.62 -10.86 -3.13
N VAL A 106 12.46 -11.14 -3.73
CA VAL A 106 11.23 -11.36 -2.98
C VAL A 106 11.39 -12.49 -1.96
N ASP A 107 12.14 -13.52 -2.34
CA ASP A 107 12.30 -14.71 -1.50
C ASP A 107 12.80 -14.37 -0.12
N LYS A 108 13.60 -13.32 0.05
CA LYS A 108 14.13 -12.96 1.34
C LYS A 108 13.06 -12.45 2.32
N PHE A 109 11.85 -12.16 1.79
CA PHE A 109 10.68 -11.67 2.50
C PHE A 109 9.67 -12.75 2.76
N LEU A 110 9.98 -13.97 2.32
CA LEU A 110 9.08 -15.13 2.40
C LEU A 110 9.57 -16.20 3.33
N ASP A 111 10.56 -15.89 4.17
CA ASP A 111 11.27 -16.88 4.98
C ASP A 111 11.02 -16.60 6.45
N PRO A 112 10.24 -17.43 7.17
CA PRO A 112 9.96 -17.13 8.55
C PRO A 112 11.19 -17.10 9.42
N SER A 113 12.30 -17.69 8.99
CA SER A 113 13.55 -17.74 9.75
C SER A 113 14.55 -16.61 9.39
N TYR A 114 14.13 -15.67 8.58
CA TYR A 114 15.03 -14.61 8.16
C TYR A 114 14.36 -13.26 8.17
N LEU A 115 15.04 -12.27 8.77
CA LEU A 115 14.54 -10.92 8.79
C LEU A 115 15.42 -10.07 7.84
N PRO A 116 14.84 -9.52 6.76
CA PRO A 116 15.63 -8.66 5.86
C PRO A 116 16.25 -7.48 6.59
N THR A 117 17.50 -7.19 6.19
CA THR A 117 18.15 -5.98 6.70
C THR A 117 17.53 -4.74 6.06
N ASN A 118 17.85 -3.56 6.63
CA ASN A 118 17.36 -2.35 5.98
C ASN A 118 17.90 -2.19 4.58
N ASP A 119 19.15 -2.59 4.33
CA ASP A 119 19.66 -2.51 2.94
C ASP A 119 18.86 -3.45 2.02
N GLU A 120 18.55 -4.67 2.48
CA GLU A 120 17.75 -5.58 1.64
C GLU A 120 16.33 -5.00 1.44
N LYS A 121 15.77 -4.37 2.44
CA LYS A 121 14.49 -3.68 2.30
C LYS A 121 14.53 -2.61 1.23
N GLN A 122 15.62 -1.87 1.16
CA GLN A 122 15.74 -0.78 0.18
C GLN A 122 15.95 -1.36 -1.22
N ALA A 123 16.80 -2.37 -1.34
CA ALA A 123 16.99 -3.00 -2.65
C ALA A 123 15.64 -3.55 -3.15
N ALA A 124 14.87 -4.16 -2.25
CA ALA A 124 13.53 -4.63 -2.64
C ALA A 124 12.62 -3.50 -3.04
N GLU A 125 12.61 -2.40 -2.23
CA GLU A 125 11.82 -1.24 -2.58
C GLU A 125 12.16 -0.75 -3.98
N ASP A 126 13.42 -0.72 -4.35
CA ASP A 126 13.77 -0.25 -5.68
C ASP A 126 13.19 -1.18 -6.76
N CYS A 127 13.19 -2.49 -6.51
N CYS A 127 13.18 -2.49 -6.52
N CYS A 127 13.14 -2.48 -6.52
CA CYS A 127 12.59 -3.45 -7.41
CA CYS A 127 12.56 -3.43 -7.47
CA CYS A 127 12.59 -3.32 -7.55
C CYS A 127 11.06 -3.26 -7.51
C CYS A 127 11.05 -3.24 -7.53
C CYS A 127 11.06 -3.37 -7.51
N PHE A 128 10.43 -3.03 -6.38
CA PHE A 128 9.02 -2.67 -6.39
C PHE A 128 8.72 -1.43 -7.20
N ASP A 129 9.57 -0.41 -7.03
CA ASP A 129 9.34 0.85 -7.81
C ASP A 129 9.44 0.55 -9.29
N ALA A 130 10.39 -0.30 -9.71
CA ALA A 130 10.50 -0.68 -11.12
C ALA A 130 9.28 -1.47 -11.60
N GLY A 131 8.62 -2.13 -10.70
CA GLY A 131 7.44 -2.92 -10.91
C GLY A 131 6.12 -2.26 -10.54
N LEU A 132 6.05 -0.94 -10.55
CA LEU A 132 4.83 -0.25 -10.21
C LEU A 132 3.76 -0.61 -11.22
N LEU A 133 2.54 -0.77 -10.73
CA LEU A 133 1.38 -1.15 -11.57
C LEU A 133 0.59 0.13 -11.93
N PRO A 134 0.76 0.66 -13.15
CA PRO A 134 0.19 2.01 -13.37
C PRO A 134 -1.33 2.02 -13.44
N CYS A 135 -1.89 3.10 -12.93
N CYS A 135 -1.99 3.03 -12.92
CA CYS A 135 -3.36 3.33 -13.03
CA CYS A 135 -3.44 3.03 -13.08
C CYS A 135 -3.81 3.17 -14.48
C CYS A 135 -3.87 3.21 -14.53
N THR A 136 -2.97 3.70 -15.39
CA THR A 136 -3.28 3.81 -16.79
C THR A 136 -3.21 2.50 -17.56
N ASP A 137 -2.74 1.44 -16.96
CA ASP A 137 -2.73 0.14 -17.61
C ASP A 137 -4.11 -0.51 -17.67
N VAL A 138 -5.07 0.00 -16.97
CA VAL A 138 -6.43 -0.54 -16.96
C VAL A 138 -7.30 0.35 -17.90
N SER A 139 -7.74 -0.27 -19.00
CA SER A 139 -8.54 0.43 -19.98
C SER A 139 -9.79 0.98 -19.28
N GLY A 140 -10.05 2.24 -19.54
CA GLY A 140 -11.21 2.87 -19.04
C GLY A 140 -11.11 3.45 -17.66
N GLN A 141 -10.03 3.16 -16.93
CA GLN A 141 -9.86 3.75 -15.59
C GLN A 141 -9.41 5.19 -15.73
N GLU A 142 -10.04 6.08 -15.01
CA GLU A 142 -9.65 7.52 -15.10
CA GLU A 142 -9.71 7.52 -15.02
C GLU A 142 -8.53 7.76 -14.13
N CYS A 143 -7.42 8.32 -14.62
N CYS A 143 -7.45 8.31 -14.69
CA CYS A 143 -6.20 8.47 -13.86
CA CYS A 143 -6.23 8.50 -13.94
C CYS A 143 -5.81 9.96 -13.93
C CYS A 143 -5.78 9.95 -13.94
N GLY A 144 -6.26 10.67 -12.95
CA GLY A 144 -6.01 12.08 -12.86
C GLY A 144 -4.76 12.46 -12.12
N TYR A 145 -4.49 13.77 -12.11
CA TYR A 145 -3.39 14.36 -11.37
C TYR A 145 -3.90 14.87 -10.04
N SER A 146 -3.03 14.90 -9.03
CA SER A 146 -3.39 15.39 -7.71
C SER A 146 -3.67 16.88 -7.69
N ALA A 147 -4.68 17.25 -6.92
CA ALA A 147 -4.96 18.67 -6.65
C ALA A 147 -3.92 19.30 -5.77
N ASP A 148 -2.97 18.52 -5.27
CA ASP A 148 -1.92 19.00 -4.40
C ASP A 148 -0.57 19.15 -5.10
N CYS A 149 -0.58 19.01 -6.42
N CYS A 149 -0.52 19.07 -6.41
CA CYS A 149 0.60 19.00 -7.26
CA CYS A 149 0.72 19.40 -7.05
C CYS A 149 0.46 20.08 -8.36
C CYS A 149 0.47 20.09 -8.36
N THR A 150 1.56 20.57 -8.93
CA THR A 150 1.53 21.36 -10.14
C THR A 150 2.55 20.76 -11.11
N GLU A 151 2.29 21.02 -12.41
CA GLU A 151 3.13 20.46 -13.45
C GLU A 151 4.54 21.04 -13.29
N GLY A 152 5.52 20.17 -13.40
CA GLY A 152 6.90 20.53 -13.11
C GLY A 152 7.42 19.96 -11.79
N GLU A 153 6.53 19.53 -10.92
CA GLU A 153 6.89 18.85 -9.70
C GLU A 153 6.90 17.34 -9.89
N ALA A 154 7.64 16.64 -9.01
CA ALA A 154 7.84 15.21 -9.15
C ALA A 154 6.61 14.36 -8.78
N CYS A 155 5.58 15.05 -8.32
N CYS A 155 5.51 14.92 -8.31
CA CYS A 155 4.28 14.42 -8.01
CA CYS A 155 4.35 14.07 -8.17
C CYS A 155 3.35 14.40 -9.24
C CYS A 155 3.33 14.37 -9.27
N TRP A 156 3.75 15.00 -10.36
CA TRP A 156 2.86 15.19 -11.52
C TRP A 156 2.98 13.93 -12.44
N ARG A 157 2.32 12.88 -11.97
CA ARG A 157 2.46 11.55 -12.59
C ARG A 157 1.20 10.79 -12.32
N ASN A 158 0.60 10.24 -13.39
CA ASN A 158 -0.67 9.52 -13.29
C ASN A 158 -0.47 8.01 -13.44
N ASP A 159 0.76 7.52 -13.25
CA ASP A 159 0.95 6.09 -12.94
C ASP A 159 0.44 5.77 -11.53
N TRP A 160 0.80 6.59 -10.56
CA TRP A 160 0.20 6.59 -9.25
C TRP A 160 -1.27 6.99 -9.37
N PHE A 161 -2.06 6.49 -8.42
CA PHE A 161 -3.40 6.96 -8.16
C PHE A 161 -3.39 8.21 -7.29
N THR A 162 -4.45 9.00 -7.39
CA THR A 162 -4.66 10.13 -6.47
C THR A 162 -5.91 9.99 -5.71
N CYS A 163 -5.87 10.39 -4.43
N CYS A 163 -5.88 10.45 -4.46
CA CYS A 163 -7.06 10.69 -3.72
CA CYS A 163 -7.10 10.65 -3.72
C CYS A 163 -7.77 11.94 -4.28
C CYS A 163 -7.76 11.93 -4.26
N ASN A 164 -8.98 12.22 -3.83
CA ASN A 164 -9.64 13.45 -4.21
C ASN A 164 -9.03 14.61 -3.45
N GLY A 165 -9.37 15.83 -3.90
CA GLY A 165 -8.81 16.99 -3.32
C GLY A 165 -9.10 17.11 -1.82
N PHE A 166 -8.11 17.56 -1.04
CA PHE A 166 -8.30 17.72 0.36
C PHE A 166 -9.34 18.76 0.68
N GLU A 167 -9.42 19.79 -0.15
CA GLU A 167 -10.23 20.96 0.09
C GLU A 167 -11.56 20.89 -0.68
N ALA A 168 -11.86 19.80 -1.37
CA ALA A 168 -13.12 19.71 -2.12
C ALA A 168 -14.36 19.79 -1.20
N SER A 169 -15.38 20.49 -1.67
CA SER A 169 -16.64 20.60 -0.91
C SER A 169 -17.41 19.31 -0.79
N ASP A 170 -17.30 18.55 -1.84
CA ASP A 170 -18.01 17.27 -1.97
C ASP A 170 -16.95 16.17 -2.15
N ARG A 171 -17.15 15.11 -1.42
CA ARG A 171 -16.26 13.92 -1.55
C ARG A 171 -14.77 14.23 -1.52
N PRO A 172 -14.31 14.95 -0.50
CA PRO A 172 -12.86 15.24 -0.45
C PRO A 172 -12.06 13.99 -0.05
N LYS A 173 -10.74 14.13 -0.25
CA LYS A 173 -9.74 13.27 0.35
C LYS A 173 -9.81 11.85 -0.19
N CYS A 174 -9.21 10.89 0.53
N CYS A 174 -9.26 10.90 0.57
CA CYS A 174 -9.23 9.51 0.06
CA CYS A 174 -9.29 9.49 0.21
C CYS A 174 -10.58 8.86 0.26
C CYS A 174 -10.70 8.91 0.37
N GLN A 175 -11.32 9.25 1.30
N GLN A 175 -11.37 9.15 1.50
CA GLN A 175 -12.66 8.65 1.50
CA GLN A 175 -12.75 8.73 1.68
C GLN A 175 -13.57 8.99 0.38
C GLN A 175 -13.63 9.04 0.46
N GLY A 176 -13.37 10.15 -0.25
CA GLY A 176 -14.27 10.55 -1.31
C GLY A 176 -14.20 9.73 -2.58
N VAL A 177 -13.12 8.92 -2.75
CA VAL A 177 -12.93 8.12 -3.95
C VAL A 177 -14.09 7.15 -4.10
N ASP A 178 -14.34 6.32 -3.07
CA ASP A 178 -15.47 5.36 -3.09
C ASP A 178 -16.75 6.01 -2.49
N ASN A 179 -16.61 6.97 -1.60
CA ASN A 179 -17.74 7.48 -0.82
C ASN A 179 -18.53 6.32 -0.12
N ALA A 180 -17.78 5.39 0.42
CA ALA A 180 -18.34 4.28 1.13
C ALA A 180 -18.81 4.67 2.50
N GLU A 181 -19.54 3.78 3.16
CA GLU A 181 -19.99 3.95 4.52
C GLU A 181 -18.84 3.73 5.50
N LEU A 182 -18.99 4.37 6.66
CA LEU A 182 -18.06 4.14 7.76
C LEU A 182 -18.15 2.68 8.17
N ASN A 183 -17.01 2.12 8.50
CA ASN A 183 -16.84 0.74 8.87
C ASN A 183 -17.05 -0.22 7.73
N SER A 184 -16.89 0.25 6.52
CA SER A 184 -16.83 -0.60 5.36
C SER A 184 -15.51 -1.42 5.34
N CYS A 185 -14.56 -1.02 6.17
N CYS A 185 -14.43 -0.93 5.97
CA CYS A 185 -13.37 -1.85 6.39
CA CYS A 185 -13.25 -1.80 6.28
C CYS A 185 -12.87 -1.45 7.79
C CYS A 185 -12.52 -1.31 7.57
N TYR A 186 -12.13 -2.29 8.41
CA TYR A 186 -11.74 -2.09 9.77
C TYR A 186 -10.60 -1.11 9.94
N THR A 187 -10.78 -0.14 10.82
CA THR A 187 -9.65 0.52 11.48
C THR A 187 -9.95 0.67 12.96
N SER A 188 -8.90 0.72 13.77
CA SER A 188 -9.02 0.67 15.18
C SER A 188 -9.40 2.00 15.83
N ILE A 189 -9.05 3.11 15.20
CA ILE A 189 -9.15 4.43 15.85
C ILE A 189 -10.56 4.96 15.75
N ALA A 190 -11.11 5.11 14.56
CA ALA A 190 -12.38 5.74 14.39
C ALA A 190 -13.22 5.03 13.34
N GLY A 191 -12.80 3.85 12.88
CA GLY A 191 -13.49 3.10 11.83
C GLY A 191 -13.05 3.51 10.45
N GLY A 192 -13.20 2.61 9.50
CA GLY A 192 -12.56 2.76 8.22
C GLY A 192 -13.48 2.87 7.05
N TYR A 193 -12.90 3.36 5.96
CA TYR A 193 -13.55 3.47 4.68
C TYR A 193 -12.72 2.82 3.61
N THR A 194 -13.36 2.16 2.67
CA THR A 194 -12.65 1.56 1.55
C THR A 194 -12.23 2.59 0.55
N VAL A 195 -11.12 2.27 -0.16
CA VAL A 195 -10.56 3.05 -1.26
C VAL A 195 -10.22 2.02 -2.33
N THR A 196 -10.98 1.96 -3.42
CA THR A 196 -10.94 0.85 -4.34
C THR A 196 -10.52 1.29 -5.74
N LYS A 197 -9.65 0.52 -6.36
CA LYS A 197 -9.18 0.73 -7.72
C LYS A 197 -8.98 -0.59 -8.43
N LYS A 198 -8.58 -0.53 -9.68
CA LYS A 198 -8.16 -1.71 -10.41
C LYS A 198 -6.71 -1.54 -10.81
N VAL A 199 -5.99 -2.69 -10.86
CA VAL A 199 -4.66 -2.72 -11.47
C VAL A 199 -4.59 -3.90 -12.42
N LYS A 200 -3.68 -3.80 -13.37
CA LYS A 200 -3.40 -4.90 -14.30
CA LYS A 200 -3.44 -4.95 -14.24
C LYS A 200 -2.15 -5.61 -13.78
N LEU A 201 -2.25 -6.88 -13.40
CA LEU A 201 -1.11 -7.61 -12.95
C LEU A 201 -0.09 -7.77 -14.05
N PRO A 202 1.19 -7.89 -13.67
CA PRO A 202 2.21 -8.12 -14.68
C PRO A 202 2.01 -9.48 -15.36
N GLU A 203 2.63 -9.57 -16.52
CA GLU A 203 2.68 -10.81 -17.28
C GLU A 203 3.92 -11.56 -16.81
N TYR A 204 3.69 -12.31 -15.74
CA TYR A 204 4.73 -12.86 -14.88
C TYR A 204 4.10 -13.91 -14.04
N THR A 205 4.78 -15.06 -13.84
CA THR A 205 4.28 -16.08 -12.96
C THR A 205 5.12 -16.27 -11.72
N SER A 206 4.43 -16.64 -10.64
CA SER A 206 5.07 -17.00 -9.36
C SER A 206 4.07 -17.74 -8.52
N ASN A 207 4.45 -18.82 -7.83
CA ASN A 207 3.60 -19.41 -6.83
C ASN A 207 3.47 -18.61 -5.57
N HIS A 208 4.38 -17.67 -5.35
CA HIS A 208 4.31 -16.88 -4.13
C HIS A 208 5.21 -15.64 -4.33
N THR A 209 4.55 -14.51 -4.47
CA THR A 209 5.23 -13.21 -4.60
C THR A 209 4.41 -12.22 -3.76
N LEU A 210 4.78 -10.95 -3.88
CA LEU A 210 4.19 -9.86 -3.06
C LEU A 210 3.65 -8.76 -3.95
N ILE A 211 2.56 -8.17 -3.51
CA ILE A 211 2.11 -6.87 -4.02
C ILE A 211 2.23 -5.86 -2.87
N SER A 212 2.97 -4.76 -3.11
CA SER A 212 3.20 -3.77 -2.06
C SER A 212 2.43 -2.48 -2.38
N PHE A 213 1.63 -2.07 -1.41
CA PHE A 213 0.88 -0.83 -1.37
C PHE A 213 1.71 0.27 -0.72
N LYS A 214 1.66 1.44 -1.33
CA LYS A 214 2.37 2.62 -0.83
C LYS A 214 1.49 3.83 -0.94
N TRP A 215 1.35 4.58 0.15
CA TRP A 215 0.50 5.78 0.20
C TRP A 215 1.32 6.92 0.80
N ASN A 216 1.48 7.99 0.03
CA ASN A 216 2.25 9.16 0.43
C ASN A 216 1.32 10.34 0.74
N SER A 217 1.56 10.98 1.89
CA SER A 217 0.88 12.20 2.32
CA SER A 217 0.89 12.25 2.28
CA SER A 217 0.81 12.20 2.19
C SER A 217 1.53 13.41 1.59
N PHE A 218 0.72 14.47 1.36
CA PHE A 218 1.24 15.73 0.80
C PHE A 218 1.44 16.80 1.87
N GLN A 219 0.59 16.82 2.91
CA GLN A 219 0.56 17.92 3.85
CA GLN A 219 0.54 17.92 3.89
C GLN A 219 1.44 17.70 5.06
N THR A 220 1.82 16.44 5.29
CA THR A 220 2.78 16.02 6.29
C THR A 220 3.70 15.00 5.66
N GLY A 221 4.86 14.75 6.28
CA GLY A 221 5.87 13.85 5.75
C GLY A 221 5.64 12.44 6.31
N GLN A 222 4.84 11.67 5.57
CA GLN A 222 4.42 10.35 6.07
CA GLN A 222 4.28 10.38 6.01
C GLN A 222 4.07 9.44 4.82
N ILE A 223 4.51 8.19 5.02
CA ILE A 223 4.25 7.13 4.02
C ILE A 223 3.72 5.93 4.77
N TYR A 224 2.68 5.30 4.17
CA TYR A 224 2.14 4.03 4.68
CA TYR A 224 2.14 4.05 4.66
C TYR A 224 2.42 2.95 3.64
N LEU A 225 2.99 1.83 4.10
CA LEU A 225 3.35 0.67 3.28
C LEU A 225 2.70 -0.59 3.84
N SER A 226 2.21 -1.44 2.95
CA SER A 226 1.71 -2.78 3.32
C SER A 226 2.04 -3.71 2.18
N CYS A 227 1.99 -5.02 2.42
N CYS A 227 2.03 -5.03 2.44
CA CYS A 227 2.17 -5.94 1.31
CA CYS A 227 2.21 -6.04 1.35
C CYS A 227 1.27 -7.18 1.51
C CYS A 227 1.22 -7.17 1.50
N ALA A 228 0.85 -7.75 0.38
CA ALA A 228 0.02 -8.96 0.38
C ALA A 228 0.77 -10.04 -0.38
N ASP A 229 0.66 -11.25 0.16
CA ASP A 229 1.18 -12.47 -0.46
C ASP A 229 0.18 -12.97 -1.49
N ILE A 230 0.64 -13.10 -2.74
CA ILE A 230 -0.23 -13.51 -3.84
C ILE A 230 0.50 -14.56 -4.70
N ALA A 231 -0.29 -15.24 -5.51
CA ALA A 231 0.21 -16.12 -6.57
C ALA A 231 -0.26 -15.61 -7.89
N ILE A 232 0.54 -15.74 -8.93
CA ILE A 232 0.16 -15.40 -10.29
C ILE A 232 0.52 -16.62 -11.14
N GLN A 233 -0.51 -17.30 -11.62
CA GLN A 233 -0.36 -18.64 -12.19
C GLN A 233 -1.12 -18.74 -13.52
C1 GLC B . -6.94 2.50 18.80
C2 GLC B . -6.54 3.16 20.08
C3 GLC B . -5.69 2.22 20.95
C4 GLC B . -6.36 0.84 21.14
C5 GLC B . -6.82 0.31 19.78
C6 GLC B . -7.65 -0.95 19.88
O1 GLC B . -5.78 2.16 18.07
O2 GLC B . -5.68 4.29 19.82
O3 GLC B . -5.41 2.74 22.23
O4 GLC B . -5.44 -0.10 21.69
O5 GLC B . -7.66 1.26 19.13
O6 GLC B . -8.71 -0.90 20.75
C1 GLC B . -5.53 -0.23 23.07
C2 GLC B . -4.23 -0.87 23.54
C3 GLC B . -4.12 -2.29 23.02
C4 GLC B . -5.34 -3.08 23.44
C5 GLC B . -6.63 -2.33 23.04
C6 GLC B . -7.88 -2.98 23.65
O2 GLC B . -3.11 -0.09 23.09
O3 GLC B . -2.91 -2.87 23.49
O4 GLC B . -5.34 -4.36 22.77
O5 GLC B . -6.64 -1.00 23.58
O6 GLC B . -9.10 -2.42 23.31
C1 NAG C . 4.29 -23.84 -8.89
C1 NAG C . 4.08 -23.78 -8.86
C2 NAG C . 5.12 -23.64 -10.17
C2 NAG C . 4.84 -23.71 -10.14
C3 NAG C . 4.85 -24.74 -11.16
C3 NAG C . 4.40 -24.88 -11.02
C4 NAG C . 5.05 -26.09 -10.46
C4 NAG C . 4.43 -26.20 -10.24
C5 NAG C . 4.32 -26.17 -9.12
C5 NAG C . 3.67 -26.08 -8.94
C6 NAG C . 4.75 -27.46 -8.40
C6 NAG C . 3.92 -27.32 -8.10
C7 NAG C . 5.66 -21.32 -10.97
C7 NAG C . 5.54 -21.43 -10.80
C8 NAG C . 5.07 -20.13 -11.61
C8 NAG C . 5.08 -20.14 -11.36
N2 NAG C . 4.81 -22.36 -10.83
N2 NAG C . 4.60 -22.38 -10.72
O3 NAG C . 5.64 -24.56 -12.32
O3 NAG C . 5.22 -24.95 -12.16
O4 NAG C . 4.67 -27.15 -11.30
O4 NAG C . 3.89 -27.20 -11.11
O5 NAG C . 4.69 -25.08 -8.28
O5 NAG C . 4.27 -25.03 -8.19
O6 NAG C . 6.12 -27.47 -8.18
O6 NAG C . 3.23 -27.43 -6.89
O7 NAG C . 6.85 -21.36 -10.59
O7 NAG C . 6.74 -21.62 -10.45
ZN ZN D . -2.20 8.84 9.29
ZN ZN D . -2.84 8.95 9.37
ZN ZN E . 11.93 10.26 -7.00
ZN ZN E . 12.88 11.99 -7.92
ZN ZN E . 12.98 10.79 -7.33
ZN ZN F . 16.77 -12.81 -9.18
ZN ZN G . -11.61 -7.15 11.98
ZN ZN G . -10.77 -6.77 13.72
ZN ZN H . 4.37 21.97 -4.17
ZN ZN I . -4.28 -18.80 -13.90
ZN ZN J . -16.54 12.40 9.64
ZN ZN K . -1.05 24.07 3.42
#